data_8H59
#
_entry.id   8H59
#
_cell.length_a   75.040
_cell.length_b   75.040
_cell.length_c   159.058
_cell.angle_alpha   90.000
_cell.angle_beta   90.000
_cell.angle_gamma   120.000
#
_symmetry.space_group_name_H-M   'P 32 2 1'
#
loop_
_entity.id
_entity.type
_entity.pdbx_description
1 polymer 'Mitogen-activated protein kinase MPS1'
2 non-polymer ~{N}-[(2~{S})-3-(1~{H}-indol-3-yl)-1-(methylamino)-1-oxidanylidene-propan-2-yl]-8-[2-methoxy-5-(trifluoromethyloxy)phenyl]-1,6-naphthyridine-2-carboxamide
3 water water
#
_entity_poly.entity_id   1
_entity_poly.type   'polypeptide(L)'
_entity_poly.pdbx_seq_one_letter_code
;QGRKIFKVFNQDFIVDERYTVTKELGQGAYGIVCAAVNNQTSEGVAIKKVTNVFSKKILAKRALREIKLLQHFRGHRNIT
CLYDMDIPRPDNFNETYLYEELMECDLAAIIRSGQPLTDAHFQSFIYQILCGLKYIHSANVLHRDLKPGNLLVNADCELK
ICDFGLARGFSVDPEENAGYMTEYVATRWYRAPEIMLSFQSYTKAIDVWSVGCILAELLGGRPFFKGRDYVDQLNQILHI
LGTPNEETLSRIGSPRAQEYVRNLPFMAKKPFPTLFPNANPDALDLLDRMLAFDPSSRISVEQALEHPYLHIWHDASDEP
DCPTTFNFDFEVVEDVGEMRKMILDEVYRFRQLVRTAPGAGGHGAPHAPQVPIPAGAGQGQWKAEDPRPQEYVGQMNDLE
AELAGGLD
;
_entity_poly.pdbx_strand_id   A
#
# COMPACT_ATOMS: atom_id res chain seq x y z
N GLN A 1 -11.35 -10.28 32.95
CA GLN A 1 -10.36 -10.47 31.90
C GLN A 1 -10.99 -10.22 30.52
N GLY A 2 -11.86 -11.12 30.08
CA GLY A 2 -12.53 -10.96 28.80
C GLY A 2 -11.72 -11.37 27.59
N ARG A 3 -10.66 -12.16 27.78
CA ARG A 3 -9.74 -12.49 26.71
C ARG A 3 -9.32 -13.95 26.86
N LYS A 4 -8.86 -14.51 25.74
CA LYS A 4 -8.29 -15.84 25.70
C LYS A 4 -6.81 -15.77 25.35
N ILE A 5 -6.05 -16.72 25.85
CA ILE A 5 -4.63 -16.84 25.55
C ILE A 5 -4.43 -18.06 24.65
N PHE A 6 -3.83 -17.83 23.47
CA PHE A 6 -3.41 -18.91 22.59
C PHE A 6 -1.89 -18.95 22.53
N LYS A 7 -1.36 -20.12 22.16
CA LYS A 7 0.07 -20.33 21.98
C LYS A 7 0.33 -20.44 20.49
N VAL A 8 1.08 -19.48 19.94
CA VAL A 8 1.40 -19.47 18.51
C VAL A 8 2.77 -18.86 18.35
N PHE A 9 3.53 -19.36 17.38
CA PHE A 9 4.91 -18.92 17.19
C PHE A 9 5.64 -18.90 18.53
N ASN A 10 5.29 -19.86 19.39
CA ASN A 10 5.98 -20.11 20.65
C ASN A 10 5.93 -18.89 21.56
N GLN A 11 4.81 -18.18 21.56
CA GLN A 11 4.65 -17.05 22.47
C GLN A 11 3.16 -16.84 22.72
N ASP A 12 2.88 -15.98 23.71
CA ASP A 12 1.50 -15.71 24.07
C ASP A 12 0.82 -14.86 23.01
N PHE A 13 -0.44 -15.19 22.72
CA PHE A 13 -1.24 -14.49 21.71
C PHE A 13 -2.60 -14.28 22.37
N ILE A 14 -2.82 -13.07 22.88
CA ILE A 14 -3.95 -12.76 23.77
C ILE A 14 -4.97 -11.96 22.98
N VAL A 15 -6.14 -12.56 22.76
CA VAL A 15 -7.18 -11.98 21.88
C VAL A 15 -8.50 -11.77 22.61
N ASP A 16 -9.43 -11.01 22.02
CA ASP A 16 -10.79 -10.80 22.55
C ASP A 16 -11.46 -12.17 22.62
N GLU A 17 -12.22 -12.44 23.67
CA GLU A 17 -12.85 -13.76 23.93
C GLU A 17 -13.86 -14.12 22.85
N ARG A 18 -14.33 -13.15 22.08
CA ARG A 18 -15.30 -13.39 20.98
C ARG A 18 -14.63 -14.17 19.86
N TYR A 19 -13.31 -14.30 19.88
CA TYR A 19 -12.54 -14.89 18.76
C TYR A 19 -11.84 -16.20 19.11
N THR A 20 -11.62 -17.04 18.11
CA THR A 20 -10.85 -18.29 18.25
C THR A 20 -9.75 -18.25 17.19
N VAL A 21 -8.48 -18.23 17.57
CA VAL A 21 -7.38 -18.28 16.61
C VAL A 21 -7.47 -19.60 15.88
N THR A 22 -7.40 -19.55 14.54
CA THR A 22 -7.51 -20.76 13.73
C THR A 22 -6.19 -21.18 13.08
N LYS A 23 -5.29 -20.25 12.79
CA LYS A 23 -4.19 -20.58 11.89
C LYS A 23 -3.12 -19.51 12.00
N GLU A 24 -1.87 -19.98 12.05
CA GLU A 24 -0.72 -19.10 11.93
C GLU A 24 -0.63 -18.65 10.48
N LEU A 25 -0.45 -17.35 10.26
CA LEU A 25 -0.29 -16.81 8.92
C LEU A 25 1.13 -16.44 8.60
N GLY A 26 1.84 -15.81 9.52
CA GLY A 26 3.21 -15.42 9.24
C GLY A 26 3.79 -14.64 10.39
N GLN A 27 5.08 -14.36 10.25
CA GLN A 27 5.87 -13.62 11.24
C GLN A 27 6.89 -12.79 10.49
N GLY A 28 7.11 -11.57 10.94
CA GLY A 28 8.09 -10.70 10.31
C GLY A 28 8.92 -10.00 11.37
N ALA A 29 9.62 -8.94 10.98
CA ALA A 29 10.43 -8.20 11.94
C ALA A 29 9.58 -7.50 12.98
N TYR A 30 8.30 -7.26 12.69
CA TYR A 30 7.47 -6.40 13.53
C TYR A 30 6.44 -7.15 14.34
N GLY A 31 6.31 -8.47 14.17
CA GLY A 31 5.36 -9.22 14.97
C GLY A 31 4.90 -10.47 14.25
N ILE A 32 3.77 -11.00 14.72
CA ILE A 32 3.23 -12.24 14.20
C ILE A 32 1.76 -12.03 13.88
N VAL A 33 1.27 -12.82 12.93
CA VAL A 33 -0.11 -12.70 12.46
C VAL A 33 -0.78 -14.06 12.43
N CYS A 34 -1.99 -14.14 12.99
CA CYS A 34 -2.82 -15.33 12.92
C CYS A 34 -4.16 -14.95 12.30
N ALA A 35 -4.83 -15.94 11.73
CA ALA A 35 -6.22 -15.87 11.34
C ALA A 35 -7.08 -16.31 12.51
N ALA A 36 -8.29 -15.76 12.58
CA ALA A 36 -9.20 -16.03 13.68
C ALA A 36 -10.63 -15.90 13.15
N VAL A 37 -11.56 -16.51 13.87
CA VAL A 37 -12.98 -16.40 13.58
C VAL A 37 -13.69 -15.75 14.76
N ASN A 38 -14.71 -14.94 14.45
CA ASN A 38 -15.65 -14.42 15.44
C ASN A 38 -16.70 -15.50 15.68
N ASN A 39 -16.62 -16.20 16.81
CA ASN A 39 -17.42 -17.41 17.00
C ASN A 39 -18.91 -17.12 16.98
N GLN A 40 -19.31 -15.90 17.32
CA GLN A 40 -20.73 -15.56 17.27
C GLN A 40 -21.16 -15.30 15.84
N THR A 41 -20.49 -14.37 15.16
CA THR A 41 -20.91 -13.94 13.83
C THR A 41 -20.30 -14.77 12.71
N SER A 42 -19.34 -15.63 13.02
CA SER A 42 -18.60 -16.44 12.05
C SER A 42 -17.75 -15.61 11.09
N GLU A 43 -17.58 -14.32 11.35
CA GLU A 43 -16.74 -13.49 10.52
C GLU A 43 -15.26 -13.81 10.75
N GLY A 44 -14.49 -13.75 9.67
CA GLY A 44 -13.07 -13.99 9.76
C GLY A 44 -12.30 -12.70 9.97
N VAL A 45 -11.18 -12.81 10.68
CA VAL A 45 -10.33 -11.64 10.93
C VAL A 45 -8.88 -12.06 10.96
N ALA A 46 -8.01 -11.15 10.53
CA ALA A 46 -6.57 -11.30 10.77
C ALA A 46 -6.18 -10.54 12.02
N ILE A 47 -5.49 -11.21 12.93
CA ILE A 47 -5.04 -10.57 14.16
C ILE A 47 -3.53 -10.45 14.10
N LYS A 48 -3.04 -9.23 14.26
CA LYS A 48 -1.63 -8.88 14.14
C LYS A 48 -1.10 -8.43 15.51
N LYS A 49 -0.17 -9.19 16.04
CA LYS A 49 0.48 -8.83 17.28
C LYS A 49 1.75 -8.09 16.95
N VAL A 50 1.73 -6.77 17.14
CA VAL A 50 2.91 -5.94 16.94
C VAL A 50 3.76 -6.06 18.18
N THR A 51 5.02 -6.43 17.98
CA THR A 51 5.84 -7.06 18.99
C THR A 51 7.02 -6.19 19.37
N ASN A 52 7.41 -6.25 20.64
CA ASN A 52 8.60 -5.55 21.13
C ASN A 52 8.53 -4.06 20.82
N VAL A 53 7.33 -3.49 20.97
CA VAL A 53 7.05 -2.19 20.37
C VAL A 53 8.01 -1.12 20.87
N PHE A 54 8.39 -1.22 22.15
CA PHE A 54 9.20 -0.19 22.79
C PHE A 54 10.63 -0.68 23.04
N SER A 55 11.05 -1.70 22.30
CA SER A 55 12.44 -2.15 22.35
C SER A 55 13.37 -1.18 21.65
N LYS A 56 12.92 -0.60 20.54
CA LYS A 56 13.69 0.38 19.79
C LYS A 56 12.78 1.55 19.47
N LYS A 57 13.35 2.75 19.48
CA LYS A 57 12.62 3.91 19.02
C LYS A 57 12.03 3.69 17.63
N ILE A 58 12.75 2.96 16.78
CA ILE A 58 12.30 2.75 15.41
C ILE A 58 11.07 1.85 15.37
N LEU A 59 11.04 0.83 16.22
CA LEU A 59 9.87 -0.05 16.27
C LEU A 59 8.63 0.68 16.78
N ALA A 60 8.80 1.55 17.78
CA ALA A 60 7.66 2.29 18.31
C ALA A 60 7.16 3.35 17.33
N LYS A 61 8.08 3.95 16.58
CA LYS A 61 7.67 4.91 15.56
C LYS A 61 6.90 4.20 14.47
N ARG A 62 7.38 3.03 14.05
CA ARG A 62 6.70 2.28 12.99
C ARG A 62 5.32 1.83 13.44
N ALA A 63 5.21 1.38 14.70
CA ALA A 63 3.92 0.91 15.18
C ALA A 63 2.92 2.05 15.19
N LEU A 64 3.33 3.19 15.70
CA LEU A 64 2.45 4.34 15.78
C LEU A 64 2.08 4.84 14.40
N ARG A 65 3.02 4.78 13.45
CA ARG A 65 2.71 5.14 12.07
C ARG A 65 1.66 4.20 11.45
N GLU A 66 1.85 2.90 11.62
CA GLU A 66 0.89 1.95 11.07
C GLU A 66 -0.48 2.12 11.72
N ILE A 67 -0.53 2.31 13.03
CA ILE A 67 -1.81 2.42 13.71
C ILE A 67 -2.59 3.63 13.21
N LYS A 68 -1.91 4.76 13.09
CA LYS A 68 -2.62 5.95 12.64
C LYS A 68 -3.00 5.86 11.18
N LEU A 69 -2.07 5.41 10.33
CA LEU A 69 -2.41 5.31 8.92
C LEU A 69 -3.55 4.32 8.66
N LEU A 70 -3.53 3.17 9.34
CA LEU A 70 -4.61 2.19 9.15
C LEU A 70 -5.97 2.79 9.47
N GLN A 71 -6.06 3.56 10.55
CA GLN A 71 -7.33 4.20 10.85
C GLN A 71 -7.72 5.17 9.76
N HIS A 72 -6.77 5.94 9.25
CA HIS A 72 -7.14 6.93 8.23
C HIS A 72 -7.74 6.30 6.98
N PHE A 73 -7.38 5.05 6.66
CA PHE A 73 -7.74 4.46 5.38
C PHE A 73 -8.73 3.33 5.50
N ARG A 74 -9.52 3.33 6.58
CA ARG A 74 -10.56 2.33 6.71
C ARG A 74 -11.70 2.66 5.77
N GLY A 75 -12.40 1.63 5.30
CA GLY A 75 -13.56 1.85 4.47
C GLY A 75 -13.29 1.98 2.98
N HIS A 76 -12.13 1.54 2.48
CA HIS A 76 -11.92 1.48 1.05
C HIS A 76 -11.83 0.03 0.62
N ARG A 77 -12.61 -0.31 -0.41
CA ARG A 77 -12.70 -1.65 -0.97
C ARG A 77 -11.33 -2.27 -1.28
N ASN A 78 -10.35 -1.46 -1.65
CA ASN A 78 -9.07 -1.96 -2.11
C ASN A 78 -7.96 -1.72 -1.10
N ILE A 79 -8.33 -1.52 0.18
CA ILE A 79 -7.41 -1.34 1.29
C ILE A 79 -7.90 -2.18 2.46
N THR A 80 -7.00 -2.98 3.03
CA THR A 80 -7.26 -3.73 4.24
C THR A 80 -7.84 -2.81 5.30
N CYS A 81 -8.98 -3.22 5.87
CA CYS A 81 -9.75 -2.40 6.81
C CYS A 81 -9.46 -2.83 8.24
N LEU A 82 -9.03 -1.87 9.07
CA LEU A 82 -8.82 -2.10 10.49
C LEU A 82 -10.17 -2.15 11.20
N TYR A 83 -10.44 -3.25 11.91
CA TYR A 83 -11.69 -3.41 12.66
C TYR A 83 -11.59 -3.04 14.13
N ASP A 84 -10.45 -3.30 14.76
CA ASP A 84 -10.33 -3.13 16.20
C ASP A 84 -8.86 -3.13 16.59
N MET A 85 -8.59 -2.64 17.79
CA MET A 85 -7.25 -2.69 18.35
C MET A 85 -7.41 -2.99 19.83
N ASP A 86 -6.38 -3.60 20.42
CA ASP A 86 -6.43 -4.03 21.82
C ASP A 86 -5.03 -4.03 22.42
N ILE A 87 -4.95 -3.63 23.69
CA ILE A 87 -3.72 -3.68 24.45
C ILE A 87 -4.06 -4.51 25.68
N PRO A 88 -3.87 -5.83 25.63
CA PRO A 88 -4.40 -6.68 26.72
C PRO A 88 -3.73 -6.45 28.06
N ARG A 89 -2.48 -5.98 28.10
CA ARG A 89 -1.77 -5.78 29.36
C ARG A 89 -1.20 -4.37 29.41
N PRO A 90 -2.05 -3.37 29.66
CA PRO A 90 -1.60 -1.97 29.49
C PRO A 90 -0.60 -1.49 30.52
N ASP A 91 -0.49 -2.15 31.68
CA ASP A 91 0.46 -1.72 32.70
C ASP A 91 1.86 -1.64 32.11
N ASN A 92 2.48 -2.78 31.83
CA ASN A 92 3.73 -2.83 31.09
C ASN A 92 3.43 -3.54 29.77
N PHE A 93 2.96 -2.78 28.79
CA PHE A 93 2.65 -3.36 27.49
C PHE A 93 3.83 -3.12 26.55
N ASN A 94 4.27 -4.20 25.91
CA ASN A 94 5.26 -4.13 24.85
C ASN A 94 4.69 -4.63 23.54
N GLU A 95 3.37 -4.67 23.42
CA GLU A 95 2.74 -5.16 22.20
C GLU A 95 1.36 -4.53 22.04
N THR A 96 0.91 -4.41 20.78
CA THR A 96 -0.45 -4.02 20.49
C THR A 96 -1.02 -5.00 19.47
N TYR A 97 -2.30 -5.31 19.60
CA TYR A 97 -2.98 -6.18 18.66
C TYR A 97 -3.88 -5.38 17.73
N LEU A 98 -3.73 -5.61 16.44
CA LEU A 98 -4.58 -5.01 15.42
C LEU A 98 -5.44 -6.12 14.80
N TYR A 99 -6.73 -5.85 14.69
CA TYR A 99 -7.70 -6.78 14.12
C TYR A 99 -8.09 -6.20 12.76
N GLU A 100 -7.67 -6.87 11.69
CA GLU A 100 -7.84 -6.41 10.32
C GLU A 100 -8.61 -7.44 9.50
N GLU A 101 -9.28 -6.93 8.46
CA GLU A 101 -9.99 -7.73 7.47
C GLU A 101 -9.09 -8.87 6.98
N LEU A 102 -9.63 -10.08 7.00
CA LEU A 102 -8.84 -11.25 6.63
C LEU A 102 -8.85 -11.51 5.12
N MET A 103 -7.70 -11.88 4.54
CA MET A 103 -7.54 -12.16 3.10
C MET A 103 -6.77 -13.49 2.95
N GLU A 104 -7.24 -14.42 2.12
CA GLU A 104 -6.66 -15.77 1.95
C GLU A 104 -5.31 -15.87 1.22
N CYS A 105 -5.08 -15.21 0.09
CA CYS A 105 -3.75 -15.25 -0.56
C CYS A 105 -3.17 -13.84 -0.68
N ASP A 106 -1.98 -13.73 -1.25
CA ASP A 106 -1.40 -12.48 -1.71
C ASP A 106 -0.93 -12.68 -3.16
N LEU A 107 -0.70 -11.57 -3.85
CA LEU A 107 -0.42 -11.66 -5.28
C LEU A 107 0.90 -12.35 -5.54
N ALA A 108 1.89 -12.17 -4.66
CA ALA A 108 3.12 -12.93 -4.78
C ALA A 108 2.87 -14.43 -4.75
N ALA A 109 1.99 -14.90 -3.87
CA ALA A 109 1.71 -16.33 -3.84
C ALA A 109 0.97 -16.79 -5.09
N ILE A 110 0.06 -15.97 -5.61
CA ILE A 110 -0.68 -16.37 -6.79
C ILE A 110 0.27 -16.49 -7.99
N ILE A 111 1.18 -15.54 -8.11
CA ILE A 111 2.16 -15.58 -9.19
C ILE A 111 3.08 -16.78 -9.01
N ARG A 112 3.47 -17.07 -7.76
CA ARG A 112 4.30 -18.22 -7.46
C ARG A 112 3.59 -19.53 -7.80
N SER A 113 2.27 -19.59 -7.57
CA SER A 113 1.57 -20.83 -7.78
C SER A 113 1.56 -21.23 -9.24
N GLY A 114 1.82 -20.29 -10.14
CA GLY A 114 1.69 -20.58 -11.54
C GLY A 114 0.27 -20.77 -12.03
N GLN A 115 -0.73 -20.49 -11.22
CA GLN A 115 -2.07 -20.68 -11.72
C GLN A 115 -2.36 -19.71 -12.87
N PRO A 116 -3.14 -20.14 -13.86
CA PRO A 116 -3.31 -19.31 -15.07
C PRO A 116 -4.03 -18.02 -14.75
N LEU A 117 -3.48 -16.93 -15.27
CA LEU A 117 -4.07 -15.61 -15.16
C LEU A 117 -4.31 -15.08 -16.57
N THR A 118 -5.49 -14.50 -16.80
CA THR A 118 -5.86 -13.93 -18.08
C THR A 118 -5.52 -12.45 -18.07
N ASP A 119 -5.53 -11.85 -19.27
CA ASP A 119 -5.34 -10.41 -19.38
C ASP A 119 -6.40 -9.65 -18.57
N ALA A 120 -7.59 -10.21 -18.47
CA ALA A 120 -8.64 -9.61 -17.65
C ALA A 120 -8.26 -9.63 -16.16
N HIS A 121 -7.61 -10.70 -15.68
CA HIS A 121 -7.08 -10.69 -14.31
C HIS A 121 -6.08 -9.55 -14.13
N PHE A 122 -5.13 -9.42 -15.09
CA PHE A 122 -4.12 -8.36 -14.98
C PHE A 122 -4.79 -7.00 -14.90
N GLN A 123 -5.77 -6.76 -15.77
CA GLN A 123 -6.49 -5.49 -15.75
C GLN A 123 -7.16 -5.27 -14.39
N SER A 124 -7.84 -6.31 -13.90
CA SER A 124 -8.53 -6.18 -12.61
C SER A 124 -7.55 -5.86 -11.49
N PHE A 125 -6.45 -6.60 -11.42
CA PHE A 125 -5.47 -6.36 -10.36
C PHE A 125 -4.90 -4.95 -10.43
N ILE A 126 -4.46 -4.53 -11.61
CA ILE A 126 -3.86 -3.20 -11.74
C ILE A 126 -4.89 -2.12 -11.41
N TYR A 127 -6.12 -2.27 -11.90
CA TYR A 127 -7.19 -1.33 -11.62
C TYR A 127 -7.42 -1.18 -10.12
N GLN A 128 -7.52 -2.30 -9.42
CA GLN A 128 -7.79 -2.27 -8.00
C GLN A 128 -6.65 -1.61 -7.24
N ILE A 129 -5.41 -1.94 -7.60
CA ILE A 129 -4.27 -1.30 -6.98
C ILE A 129 -4.38 0.19 -7.13
N LEU A 130 -4.64 0.65 -8.35
CA LEU A 130 -4.64 2.07 -8.62
C LEU A 130 -5.78 2.77 -7.92
N CYS A 131 -6.91 2.08 -7.71
CA CYS A 131 -8.00 2.72 -6.97
C CYS A 131 -7.60 2.91 -5.52
N GLY A 132 -7.03 1.89 -4.90
CA GLY A 132 -6.56 2.05 -3.54
C GLY A 132 -5.47 3.11 -3.47
N LEU A 133 -4.57 3.11 -4.46
CA LEU A 133 -3.48 4.09 -4.48
C LEU A 133 -3.99 5.50 -4.68
N LYS A 134 -5.05 5.67 -5.47
CA LYS A 134 -5.61 7.01 -5.62
C LYS A 134 -6.12 7.52 -4.29
N TYR A 135 -6.82 6.66 -3.54
CA TYR A 135 -7.28 7.03 -2.21
C TYR A 135 -6.12 7.43 -1.31
N ILE A 136 -5.08 6.59 -1.23
CA ILE A 136 -3.94 6.88 -0.35
C ILE A 136 -3.28 8.20 -0.76
N HIS A 137 -3.04 8.36 -2.06
CA HIS A 137 -2.32 9.53 -2.53
C HIS A 137 -3.13 10.79 -2.26
N SER A 138 -4.47 10.71 -2.40
CA SER A 138 -5.32 11.88 -2.17
C SER A 138 -5.24 12.39 -0.73
N ALA A 139 -4.77 11.57 0.20
CA ALA A 139 -4.47 11.98 1.55
C ALA A 139 -3.04 12.48 1.73
N ASN A 140 -2.29 12.59 0.63
CA ASN A 140 -0.90 13.02 0.66
C ASN A 140 -0.03 12.04 1.45
N VAL A 141 -0.23 10.76 1.17
CA VAL A 141 0.54 9.67 1.73
C VAL A 141 1.09 8.88 0.56
N LEU A 142 2.35 8.51 0.66
CA LEU A 142 2.99 7.61 -0.28
C LEU A 142 3.10 6.24 0.36
N HIS A 143 2.65 5.22 -0.35
CA HIS A 143 2.73 3.90 0.26
C HIS A 143 4.17 3.48 0.41
N ARG A 144 4.97 3.68 -0.64
CA ARG A 144 6.43 3.61 -0.68
C ARG A 144 6.97 2.15 -0.76
N ASP A 145 6.15 1.13 -0.52
CA ASP A 145 6.70 -0.21 -0.63
C ASP A 145 5.77 -1.17 -1.33
N LEU A 146 5.11 -0.72 -2.40
CA LEU A 146 4.15 -1.59 -3.06
C LEU A 146 4.89 -2.74 -3.72
N LYS A 147 4.37 -3.96 -3.53
CA LYS A 147 4.93 -5.16 -4.15
C LYS A 147 3.92 -6.29 -4.07
N PRO A 148 4.08 -7.36 -4.86
CA PRO A 148 3.04 -8.41 -4.84
C PRO A 148 2.76 -8.93 -3.46
N GLY A 149 3.77 -8.93 -2.57
CA GLY A 149 3.61 -9.46 -1.24
C GLY A 149 2.65 -8.68 -0.33
N ASN A 150 2.47 -7.37 -0.57
CA ASN A 150 1.55 -6.59 0.28
C ASN A 150 0.19 -6.39 -0.45
N LEU A 151 0.00 -7.05 -1.57
CA LEU A 151 -1.26 -6.96 -2.30
C LEU A 151 -2.04 -8.23 -1.99
N LEU A 152 -2.98 -8.12 -1.05
CA LEU A 152 -3.74 -9.28 -0.58
C LEU A 152 -4.93 -9.59 -1.49
N VAL A 153 -5.19 -10.87 -1.68
CA VAL A 153 -6.17 -11.31 -2.68
C VAL A 153 -7.01 -12.40 -2.05
N ASN A 154 -8.33 -12.43 -2.26
CA ASN A 154 -9.25 -13.49 -1.79
C ASN A 154 -9.66 -14.40 -2.97
N ALA A 155 -10.54 -15.40 -2.78
CA ALA A 155 -10.99 -16.45 -3.73
C ALA A 155 -11.78 -15.87 -4.91
N ASP A 156 -12.37 -14.67 -4.74
CA ASP A 156 -13.09 -13.90 -5.77
C ASP A 156 -12.11 -13.07 -6.63
N CYS A 157 -10.78 -13.18 -6.39
CA CYS A 157 -9.70 -12.42 -7.06
C CYS A 157 -9.85 -10.91 -6.81
N GLU A 158 -10.40 -10.53 -5.64
CA GLU A 158 -10.57 -9.14 -5.15
C GLU A 158 -9.24 -8.80 -4.48
N LEU A 159 -8.78 -7.57 -4.57
CA LEU A 159 -7.43 -7.23 -4.14
C LEU A 159 -7.42 -6.04 -3.19
N LYS A 160 -6.59 -6.12 -2.17
CA LYS A 160 -6.54 -5.06 -1.16
C LYS A 160 -5.09 -4.79 -0.79
N ILE A 161 -4.74 -3.52 -0.72
CA ILE A 161 -3.42 -3.06 -0.29
C ILE A 161 -3.31 -3.15 1.22
N CYS A 162 -2.16 -3.59 1.71
CA CYS A 162 -1.87 -3.66 3.13
C CYS A 162 -0.48 -3.11 3.40
N ASP A 163 -0.17 -2.99 4.70
CA ASP A 163 1.14 -2.65 5.24
C ASP A 163 1.54 -1.20 5.01
N PHE A 164 1.11 -0.32 5.92
CA PHE A 164 1.46 1.10 5.91
C PHE A 164 2.68 1.40 6.77
N GLY A 165 3.45 0.40 7.15
CA GLY A 165 4.55 0.63 8.07
C GLY A 165 5.67 1.47 7.49
N LEU A 166 5.82 1.47 6.18
CA LEU A 166 6.86 2.26 5.54
C LEU A 166 6.35 3.51 4.82
N ALA A 167 5.05 3.80 4.92
CA ALA A 167 4.48 4.92 4.21
C ALA A 167 5.09 6.24 4.66
N ARG A 168 5.01 7.23 3.79
CA ARG A 168 5.70 8.49 3.96
C ARG A 168 4.80 9.63 3.52
N GLY A 169 4.99 10.78 4.18
CA GLY A 169 4.25 11.95 3.79
C GLY A 169 4.73 12.48 2.45
N PHE A 170 3.86 13.27 1.83
CA PHE A 170 4.20 14.02 0.63
C PHE A 170 3.60 15.41 0.73
N SER A 171 4.35 16.42 0.26
CA SER A 171 3.85 17.78 0.20
C SER A 171 4.39 18.46 -1.05
N VAL A 172 3.55 19.29 -1.69
CA VAL A 172 4.01 20.12 -2.81
C VAL A 172 4.98 21.21 -2.37
N ASP A 173 5.11 21.42 -1.06
CA ASP A 173 6.01 22.43 -0.51
C ASP A 173 7.37 21.78 -0.30
N PRO A 174 8.40 22.16 -1.06
CA PRO A 174 9.66 21.40 -1.00
C PRO A 174 10.25 21.28 0.39
N GLU A 175 10.19 22.33 1.21
CA GLU A 175 10.77 22.25 2.55
C GLU A 175 10.04 21.23 3.41
N GLU A 176 8.71 21.26 3.39
CA GLU A 176 7.93 20.25 4.11
C GLU A 176 8.21 18.85 3.57
N ASN A 177 8.26 18.71 2.25
CA ASN A 177 8.43 17.37 1.67
C ASN A 177 9.76 16.75 2.10
N ALA A 178 10.79 17.57 2.28
CA ALA A 178 12.11 17.05 2.65
C ALA A 178 12.16 16.63 4.10
N GLY A 179 11.27 17.14 4.94
CA GLY A 179 11.29 16.79 6.35
C GLY A 179 10.55 15.53 6.72
N TYR A 180 9.78 14.96 5.81
CA TYR A 180 9.03 13.76 6.11
C TYR A 180 9.99 12.59 6.36
N MET A 181 9.67 11.79 7.37
CA MET A 181 10.59 10.78 7.88
C MET A 181 10.42 9.45 7.16
N THR A 182 11.56 8.78 6.94
CA THR A 182 11.66 7.50 6.23
C THR A 182 12.56 6.60 7.07
N GLU A 183 11.98 5.86 8.01
CA GLU A 183 12.78 5.06 8.92
C GLU A 183 13.34 3.79 8.26
N TYR A 184 12.56 3.11 7.42
CA TYR A 184 13.00 1.85 6.83
C TYR A 184 13.10 2.00 5.32
N VAL A 185 13.94 1.15 4.71
CA VAL A 185 14.17 1.17 3.27
C VAL A 185 13.19 0.21 2.62
N ALA A 186 12.65 0.63 1.47
CA ALA A 186 11.67 -0.12 0.70
C ALA A 186 12.36 -1.25 -0.06
N THR A 187 11.55 -2.09 -0.70
CA THR A 187 12.05 -3.33 -1.30
C THR A 187 12.77 -3.02 -2.60
N ARG A 188 13.99 -3.52 -2.71
CA ARG A 188 14.88 -3.04 -3.77
C ARG A 188 14.31 -3.34 -5.16
N TRP A 189 13.80 -4.55 -5.39
CA TRP A 189 13.35 -4.88 -6.74
C TRP A 189 12.28 -3.92 -7.26
N TYR A 190 11.48 -3.35 -6.35
CA TYR A 190 10.30 -2.54 -6.70
C TYR A 190 10.50 -1.07 -6.46
N ARG A 191 11.66 -0.65 -5.96
CA ARG A 191 11.89 0.73 -5.59
C ARG A 191 12.23 1.58 -6.81
N ALA A 192 11.68 2.79 -6.85
CA ALA A 192 11.81 3.65 -8.02
C ALA A 192 13.24 4.12 -8.19
N PRO A 193 13.73 4.27 -9.43
CA PRO A 193 15.15 4.57 -9.63
C PRO A 193 15.56 5.94 -9.15
N GLU A 194 14.67 6.93 -9.26
CA GLU A 194 15.03 8.26 -8.78
C GLU A 194 15.43 8.28 -7.30
N ILE A 195 15.07 7.25 -6.53
CA ILE A 195 15.44 7.24 -5.13
C ILE A 195 16.93 6.92 -4.97
N MET A 196 17.39 5.81 -5.56
CA MET A 196 18.81 5.47 -5.48
C MET A 196 19.68 6.46 -6.23
N LEU A 197 19.11 7.19 -7.18
CA LEU A 197 19.82 8.18 -7.96
C LEU A 197 19.73 9.59 -7.39
N SER A 198 19.15 9.75 -6.20
CA SER A 198 19.09 11.02 -5.49
C SER A 198 18.55 12.14 -6.37
N PHE A 199 17.42 11.86 -7.03
CA PHE A 199 16.76 12.93 -7.77
C PHE A 199 16.31 14.06 -6.85
N GLN A 200 16.16 13.78 -5.55
CA GLN A 200 15.55 14.66 -4.56
C GLN A 200 14.11 15.02 -4.91
N SER A 201 13.57 14.41 -5.96
CA SER A 201 12.19 14.59 -6.35
C SER A 201 11.37 13.41 -5.82
N TYR A 202 11.23 13.36 -4.50
CA TYR A 202 10.36 12.39 -3.82
C TYR A 202 8.91 12.75 -4.12
N THR A 203 8.27 12.00 -5.01
CA THR A 203 6.95 12.36 -5.53
C THR A 203 6.06 11.13 -5.56
N LYS A 204 4.79 11.36 -5.87
CA LYS A 204 3.84 10.25 -6.03
C LYS A 204 4.25 9.27 -7.13
N ALA A 205 5.15 9.68 -8.03
CA ALA A 205 5.58 8.77 -9.10
C ALA A 205 6.31 7.55 -8.55
N ILE A 206 6.87 7.63 -7.35
CA ILE A 206 7.62 6.49 -6.83
C ILE A 206 6.71 5.28 -6.64
N ASP A 207 5.43 5.50 -6.31
CA ASP A 207 4.52 4.37 -6.19
C ASP A 207 4.07 3.85 -7.55
N VAL A 208 3.87 4.76 -8.50
CA VAL A 208 3.47 4.33 -9.84
C VAL A 208 4.52 3.41 -10.42
N TRP A 209 5.80 3.70 -10.16
CA TRP A 209 6.85 2.84 -10.65
C TRP A 209 6.67 1.42 -10.13
N SER A 210 6.37 1.29 -8.83
CA SER A 210 6.20 -0.04 -8.23
C SER A 210 5.04 -0.77 -8.87
N VAL A 211 3.97 -0.05 -9.17
CA VAL A 211 2.85 -0.67 -9.87
C VAL A 211 3.31 -1.19 -11.23
N GLY A 212 4.15 -0.42 -11.92
CA GLY A 212 4.68 -0.92 -13.17
C GLY A 212 5.49 -2.20 -13.02
N CYS A 213 6.32 -2.27 -11.98
CA CYS A 213 7.07 -3.49 -11.74
C CYS A 213 6.13 -4.66 -11.50
N ILE A 214 5.01 -4.40 -10.82
CA ILE A 214 4.02 -5.45 -10.57
C ILE A 214 3.36 -5.89 -11.85
N LEU A 215 2.99 -4.94 -12.71
CA LEU A 215 2.42 -5.33 -13.99
C LEU A 215 3.42 -6.15 -14.79
N ALA A 216 4.68 -5.72 -14.81
CA ALA A 216 5.70 -6.47 -15.54
C ALA A 216 5.83 -7.86 -14.97
N GLU A 217 5.74 -7.99 -13.64
CA GLU A 217 5.87 -9.30 -13.03
C GLU A 217 4.70 -10.21 -13.38
N LEU A 218 3.50 -9.65 -13.46
CA LEU A 218 2.36 -10.44 -13.93
C LEU A 218 2.53 -10.89 -15.37
N LEU A 219 3.04 -10.01 -16.23
CA LEU A 219 3.13 -10.37 -17.64
C LEU A 219 4.18 -11.46 -17.88
N GLY A 220 5.22 -11.54 -17.06
CA GLY A 220 6.26 -12.51 -17.32
C GLY A 220 6.25 -13.63 -16.29
N GLY A 221 5.45 -13.48 -15.25
CA GLY A 221 5.40 -14.50 -14.22
C GLY A 221 6.62 -14.57 -13.34
N ARG A 222 7.37 -13.50 -13.20
CA ARG A 222 8.56 -13.47 -12.38
C ARG A 222 9.00 -12.02 -12.22
N PRO A 223 9.70 -11.70 -11.14
CA PRO A 223 10.12 -10.31 -10.90
C PRO A 223 10.86 -9.75 -12.11
N PHE A 224 10.56 -8.50 -12.45
CA PHE A 224 11.08 -7.94 -13.68
C PHE A 224 12.50 -7.39 -13.51
N PHE A 225 12.73 -6.57 -12.50
CA PHE A 225 14.02 -5.99 -12.18
C PHE A 225 14.53 -6.67 -10.90
N LYS A 226 15.31 -7.72 -11.04
CA LYS A 226 15.68 -8.59 -9.93
C LYS A 226 17.11 -8.34 -9.48
N GLY A 227 17.43 -7.12 -9.06
CA GLY A 227 18.81 -6.81 -8.75
C GLY A 227 19.24 -7.44 -7.45
N ARG A 228 20.48 -7.94 -7.42
CA ARG A 228 21.02 -8.51 -6.19
C ARG A 228 21.53 -7.44 -5.24
N ASP A 229 21.79 -6.24 -5.73
CA ASP A 229 22.17 -5.08 -4.92
C ASP A 229 21.83 -3.89 -5.80
N TYR A 230 22.19 -2.68 -5.35
CA TYR A 230 21.69 -1.49 -6.03
C TYR A 230 22.41 -1.25 -7.35
N VAL A 231 23.71 -1.52 -7.42
CA VAL A 231 24.40 -1.41 -8.70
C VAL A 231 23.75 -2.34 -9.72
N ASP A 232 23.56 -3.60 -9.32
CA ASP A 232 22.91 -4.59 -10.18
C ASP A 232 21.49 -4.17 -10.54
N GLN A 233 20.73 -3.64 -9.58
CA GLN A 233 19.38 -3.15 -9.88
C GLN A 233 19.40 -2.04 -10.92
N LEU A 234 20.31 -1.08 -10.75
CA LEU A 234 20.44 -0.02 -11.74
C LEU A 234 20.79 -0.60 -13.11
N ASN A 235 21.78 -1.48 -13.17
CA ASN A 235 22.19 -2.03 -14.46
C ASN A 235 21.03 -2.76 -15.13
N GLN A 236 20.17 -3.42 -14.35
CA GLN A 236 19.06 -4.15 -14.95
C GLN A 236 17.99 -3.20 -15.51
N ILE A 237 17.72 -2.13 -14.78
CA ILE A 237 16.77 -1.13 -15.25
C ILE A 237 17.25 -0.49 -16.54
N LEU A 238 18.51 -0.04 -16.57
CA LEU A 238 19.04 0.60 -17.76
C LEU A 238 19.14 -0.36 -18.94
N HIS A 239 19.43 -1.63 -18.68
CA HIS A 239 19.49 -2.57 -19.77
C HIS A 239 18.14 -2.72 -20.47
N ILE A 240 17.04 -2.44 -19.78
CA ILE A 240 15.72 -2.53 -20.42
C ILE A 240 15.29 -1.18 -20.99
N LEU A 241 15.42 -0.12 -20.20
CA LEU A 241 14.92 1.19 -20.58
C LEU A 241 15.90 2.00 -21.40
N GLY A 242 17.18 1.62 -21.42
CA GLY A 242 18.18 2.26 -22.24
C GLY A 242 18.78 3.50 -21.61
N THR A 243 19.83 3.97 -22.26
CA THR A 243 20.50 5.21 -21.90
C THR A 243 19.44 6.36 -21.78
N PRO A 244 19.45 7.04 -20.65
CA PRO A 244 18.54 8.22 -20.55
C PRO A 244 19.14 9.41 -21.27
N ASN A 245 18.29 10.41 -21.52
CA ASN A 245 18.73 11.59 -22.23
C ASN A 245 19.49 12.54 -21.30
N GLU A 246 20.13 13.54 -21.92
CA GLU A 246 21.01 14.43 -21.18
C GLU A 246 20.29 15.08 -20.00
N GLU A 247 19.07 15.58 -20.22
CA GLU A 247 18.31 16.19 -19.13
C GLU A 247 18.14 15.24 -17.96
N THR A 248 17.65 14.03 -18.21
CA THR A 248 17.48 13.03 -17.16
C THR A 248 18.83 12.73 -16.49
N LEU A 249 19.86 12.48 -17.29
CA LEU A 249 21.21 12.29 -16.77
C LEU A 249 21.61 13.36 -15.75
N SER A 250 21.32 14.62 -16.06
CA SER A 250 21.79 15.72 -15.23
C SER A 250 21.01 15.87 -13.95
N ARG A 251 19.85 15.22 -13.84
CA ARG A 251 19.08 15.23 -12.61
C ARG A 251 19.60 14.22 -11.59
N ILE A 252 20.57 13.39 -11.96
CA ILE A 252 21.16 12.45 -11.02
C ILE A 252 21.99 13.25 -10.03
N GLY A 253 21.48 13.42 -8.81
CA GLY A 253 22.11 14.25 -7.81
C GLY A 253 23.21 13.59 -7.02
N SER A 254 23.67 12.42 -7.45
CA SER A 254 24.73 11.68 -6.79
C SER A 254 25.90 11.59 -7.76
N PRO A 255 27.09 12.04 -7.39
CA PRO A 255 28.12 12.25 -8.43
C PRO A 255 28.72 10.97 -8.95
N ARG A 256 29.00 10.01 -8.07
CA ARG A 256 29.45 8.69 -8.52
C ARG A 256 28.40 8.05 -9.42
N ALA A 257 27.12 8.13 -9.04
CA ALA A 257 26.07 7.55 -9.86
C ALA A 257 26.01 8.22 -11.21
N GLN A 258 26.00 9.56 -11.24
CA GLN A 258 25.93 10.26 -12.51
C GLN A 258 27.12 9.91 -13.38
N GLU A 259 28.32 9.91 -12.78
CA GLU A 259 29.53 9.53 -13.50
C GLU A 259 29.39 8.14 -14.10
N TYR A 260 28.88 7.20 -13.29
CA TYR A 260 28.80 5.81 -13.72
C TYR A 260 27.84 5.68 -14.90
N VAL A 261 26.66 6.28 -14.78
CA VAL A 261 25.66 6.15 -15.84
C VAL A 261 26.16 6.81 -17.12
N ARG A 262 26.74 8.02 -17.01
CA ARG A 262 27.19 8.74 -18.20
C ARG A 262 28.22 7.96 -18.98
N ASN A 263 29.03 7.12 -18.31
CA ASN A 263 30.14 6.45 -18.97
C ASN A 263 29.76 5.08 -19.52
N LEU A 264 28.56 4.58 -19.23
CA LEU A 264 28.16 3.28 -19.74
C LEU A 264 28.08 3.34 -21.26
N PRO A 265 28.31 2.22 -21.94
CA PRO A 265 28.03 2.19 -23.38
C PRO A 265 26.56 2.48 -23.68
N PHE A 266 26.32 2.99 -24.87
CA PHE A 266 24.95 3.22 -25.31
C PHE A 266 24.12 1.96 -25.17
N MET A 267 22.89 2.12 -24.72
CA MET A 267 21.97 0.99 -24.62
C MET A 267 20.65 1.41 -25.21
N ALA A 268 20.21 0.69 -26.23
CA ALA A 268 18.90 0.93 -26.82
C ALA A 268 17.81 0.43 -25.86
N LYS A 269 16.73 1.20 -25.77
CA LYS A 269 15.52 0.71 -25.14
C LYS A 269 15.13 -0.64 -25.74
N LYS A 270 14.79 -1.59 -24.88
CA LYS A 270 14.23 -2.86 -25.32
C LYS A 270 12.70 -2.71 -25.31
N PRO A 271 12.04 -2.62 -26.45
CA PRO A 271 10.59 -2.38 -26.42
C PRO A 271 9.83 -3.51 -25.73
N PHE A 272 8.84 -3.14 -24.94
CA PHE A 272 8.10 -4.14 -24.19
C PHE A 272 7.41 -5.17 -25.09
N PRO A 273 6.93 -4.83 -26.30
CA PRO A 273 6.38 -5.88 -27.18
C PRO A 273 7.39 -6.97 -27.50
N THR A 274 8.69 -6.64 -27.59
CA THR A 274 9.67 -7.70 -27.85
C THR A 274 9.85 -8.57 -26.61
N LEU A 275 9.60 -8.04 -25.43
CA LEU A 275 9.78 -8.79 -24.21
C LEU A 275 8.57 -9.60 -23.81
N PHE A 276 7.39 -9.14 -24.19
CA PHE A 276 6.12 -9.81 -23.91
C PHE A 276 5.30 -9.84 -25.19
N PRO A 277 5.71 -10.65 -26.17
CA PRO A 277 5.10 -10.57 -27.51
C PRO A 277 3.69 -11.14 -27.54
N ASN A 278 3.25 -11.81 -26.48
CA ASN A 278 1.91 -12.35 -26.44
C ASN A 278 0.98 -11.44 -25.68
N ALA A 279 1.49 -10.36 -25.08
CA ALA A 279 0.66 -9.53 -24.23
C ALA A 279 -0.30 -8.67 -25.06
N ASN A 280 -1.36 -8.23 -24.39
CA ASN A 280 -2.25 -7.20 -24.91
C ASN A 280 -1.46 -5.91 -25.18
N PRO A 281 -1.53 -5.35 -26.39
CA PRO A 281 -0.76 -4.11 -26.65
C PRO A 281 -1.12 -2.97 -25.72
N ASP A 282 -2.36 -2.88 -25.26
CA ASP A 282 -2.68 -1.82 -24.29
C ASP A 282 -1.98 -2.04 -22.95
N ALA A 283 -1.77 -3.29 -22.56
CA ALA A 283 -1.05 -3.58 -21.33
C ALA A 283 0.38 -3.07 -21.41
N LEU A 284 1.02 -3.29 -22.55
CA LEU A 284 2.40 -2.86 -22.72
C LEU A 284 2.50 -1.34 -22.84
N ASP A 285 1.54 -0.69 -23.47
CA ASP A 285 1.56 0.77 -23.48
C ASP A 285 1.46 1.35 -22.09
N LEU A 286 0.50 0.87 -21.28
CA LEU A 286 0.43 1.34 -19.90
C LEU A 286 1.68 0.97 -19.12
N LEU A 287 2.25 -0.21 -19.39
CA LEU A 287 3.49 -0.61 -18.73
C LEU A 287 4.62 0.35 -19.05
N ASP A 288 4.76 0.69 -20.33
CA ASP A 288 5.78 1.63 -20.75
C ASP A 288 5.65 2.96 -20.01
N ARG A 289 4.41 3.44 -19.84
CA ARG A 289 4.19 4.73 -19.20
C ARG A 289 4.40 4.68 -17.68
N MET A 290 4.16 3.52 -17.05
CA MET A 290 4.37 3.39 -15.62
C MET A 290 5.84 3.21 -15.27
N LEU A 291 6.64 2.62 -16.19
CA LEU A 291 8.06 2.39 -15.98
C LEU A 291 8.92 3.42 -16.71
N ALA A 292 8.43 4.65 -16.82
CA ALA A 292 9.24 5.73 -17.34
C ALA A 292 10.41 5.90 -16.39
N PHE A 293 11.63 5.87 -16.92
CA PHE A 293 12.80 6.01 -16.04
C PHE A 293 12.73 7.30 -15.23
N ASP A 294 12.40 8.41 -15.89
CA ASP A 294 12.39 9.70 -15.25
C ASP A 294 11.02 9.98 -14.65
N PRO A 295 10.92 10.28 -13.36
CA PRO A 295 9.57 10.44 -12.77
C PRO A 295 8.75 11.48 -13.50
N SER A 296 9.37 12.54 -14.01
CA SER A 296 8.62 13.62 -14.66
C SER A 296 7.88 13.16 -15.90
N SER A 297 8.32 12.08 -16.54
CA SER A 297 7.62 11.52 -17.69
C SER A 297 6.70 10.35 -17.32
N ARG A 298 6.67 9.98 -16.05
CA ARG A 298 5.89 8.82 -15.61
C ARG A 298 4.42 9.18 -15.51
N ILE A 299 3.55 8.25 -15.95
CA ILE A 299 2.12 8.48 -15.86
C ILE A 299 1.65 8.62 -14.41
N SER A 300 0.63 9.44 -14.20
CA SER A 300 0.06 9.60 -12.88
C SER A 300 -0.99 8.52 -12.62
N VAL A 301 -1.36 8.38 -11.36
CA VAL A 301 -2.36 7.37 -11.00
C VAL A 301 -3.67 7.66 -11.72
N GLU A 302 -4.08 8.93 -11.76
CA GLU A 302 -5.36 9.24 -12.39
C GLU A 302 -5.32 9.02 -13.90
N GLN A 303 -4.21 9.35 -14.53
CA GLN A 303 -4.12 9.08 -15.95
C GLN A 303 -4.12 7.59 -16.21
N ALA A 304 -3.46 6.83 -15.34
CA ALA A 304 -3.44 5.39 -15.53
C ALA A 304 -4.85 4.81 -15.40
N LEU A 305 -5.65 5.34 -14.47
CA LEU A 305 -7.03 4.87 -14.32
C LEU A 305 -7.84 5.15 -15.58
N GLU A 306 -7.46 6.16 -16.35
CA GLU A 306 -8.13 6.54 -17.58
C GLU A 306 -7.53 5.90 -18.83
N HIS A 307 -6.51 5.05 -18.67
CA HIS A 307 -5.84 4.46 -19.81
C HIS A 307 -6.77 3.45 -20.48
N PRO A 308 -6.70 3.32 -21.82
CA PRO A 308 -7.61 2.38 -22.50
C PRO A 308 -7.51 0.96 -21.98
N TYR A 309 -6.37 0.56 -21.43
CA TYR A 309 -6.23 -0.80 -20.90
C TYR A 309 -7.29 -1.09 -19.85
N LEU A 310 -7.68 -0.07 -19.08
CA LEU A 310 -8.57 -0.27 -17.96
C LEU A 310 -9.97 0.27 -18.22
N HIS A 311 -10.31 0.57 -19.48
CA HIS A 311 -11.54 1.31 -19.76
C HIS A 311 -12.78 0.51 -19.34
N ILE A 312 -12.71 -0.80 -19.31
CA ILE A 312 -13.88 -1.57 -18.88
C ILE A 312 -14.16 -1.33 -17.40
N TRP A 313 -13.09 -1.19 -16.61
CA TRP A 313 -13.17 -1.13 -15.16
C TRP A 313 -13.39 0.30 -14.67
N HIS A 314 -12.93 1.28 -15.43
CA HIS A 314 -12.91 2.67 -14.99
C HIS A 314 -14.31 3.24 -14.89
N ASP A 315 -14.64 3.76 -13.72
CA ASP A 315 -15.88 4.47 -13.45
C ASP A 315 -15.51 5.54 -12.42
N ALA A 316 -15.23 6.76 -12.89
CA ALA A 316 -14.72 7.83 -12.01
C ALA A 316 -15.63 8.08 -10.82
N SER A 317 -16.95 7.95 -11.00
CA SER A 317 -17.88 8.04 -9.87
C SER A 317 -17.65 6.95 -8.83
N ASP A 318 -16.90 5.89 -9.16
CA ASP A 318 -16.63 4.77 -8.27
C ASP A 318 -15.19 4.76 -7.76
N GLU A 319 -14.46 5.87 -7.89
CA GLU A 319 -13.05 5.94 -7.54
C GLU A 319 -12.86 7.10 -6.59
N PRO A 320 -13.20 6.92 -5.32
CA PRO A 320 -13.27 8.07 -4.41
C PRO A 320 -11.89 8.57 -3.99
N ASP A 321 -11.86 9.83 -3.58
CA ASP A 321 -10.74 10.40 -2.87
C ASP A 321 -10.98 10.24 -1.37
N CYS A 322 -9.90 10.26 -0.61
CA CYS A 322 -10.00 10.31 0.84
C CYS A 322 -10.48 11.69 1.29
N PRO A 323 -11.42 11.77 2.24
CA PRO A 323 -11.98 13.10 2.57
C PRO A 323 -10.96 14.08 3.11
N THR A 324 -9.98 13.63 3.89
CA THR A 324 -8.99 14.51 4.46
C THR A 324 -7.58 14.00 4.22
N THR A 325 -6.63 14.93 4.29
CA THR A 325 -5.22 14.60 4.24
C THR A 325 -4.73 14.13 5.61
N PHE A 326 -3.69 13.32 5.59
CA PHE A 326 -3.20 12.72 6.81
C PHE A 326 -2.14 13.64 7.38
N ASN A 327 -2.14 13.78 8.71
CA ASN A 327 -1.22 14.67 9.39
C ASN A 327 -0.06 13.89 10.00
N PHE A 328 1.15 14.22 9.59
CA PHE A 328 2.36 13.55 10.04
C PHE A 328 3.05 14.28 11.18
N ASP A 329 2.37 15.20 11.87
CA ASP A 329 3.04 15.94 12.93
C ASP A 329 3.65 15.01 13.99
N PHE A 330 3.04 13.83 14.19
CA PHE A 330 3.49 12.92 15.23
C PHE A 330 4.95 12.50 15.05
N GLU A 331 5.43 12.46 13.81
CA GLU A 331 6.72 11.82 13.57
C GLU A 331 7.90 12.65 14.03
N VAL A 332 7.65 13.85 14.58
CA VAL A 332 8.71 14.61 15.22
C VAL A 332 8.93 14.19 16.66
N VAL A 333 7.99 13.46 17.26
CA VAL A 333 8.16 12.96 18.61
C VAL A 333 9.32 11.96 18.64
N GLU A 334 10.29 12.21 19.51
CA GLU A 334 11.47 11.35 19.64
C GLU A 334 11.57 10.69 21.02
N ASP A 335 10.61 10.93 21.90
CA ASP A 335 10.63 10.37 23.24
C ASP A 335 9.72 9.14 23.27
N VAL A 336 10.28 7.99 23.66
CA VAL A 336 9.52 6.75 23.59
C VAL A 336 8.39 6.75 24.61
N GLY A 337 8.63 7.34 25.78
CA GLY A 337 7.55 7.45 26.75
C GLY A 337 6.34 8.17 26.19
N GLU A 338 6.58 9.20 25.38
CA GLU A 338 5.47 9.91 24.75
C GLU A 338 4.83 9.10 23.64
N MET A 339 5.62 8.30 22.91
CA MET A 339 5.06 7.42 21.90
C MET A 339 4.14 6.38 22.53
N ARG A 340 4.55 5.83 23.69
CA ARG A 340 3.69 4.93 24.44
C ARG A 340 2.36 5.58 24.76
N LYS A 341 2.41 6.78 25.36
CA LYS A 341 1.18 7.49 25.69
C LYS A 341 0.32 7.68 24.45
N MET A 342 0.95 8.02 23.32
CA MET A 342 0.18 8.28 22.12
C MET A 342 -0.46 7.01 21.57
N ILE A 343 0.22 5.87 21.70
CA ILE A 343 -0.35 4.63 21.18
C ILE A 343 -1.55 4.19 22.01
N LEU A 344 -1.45 4.33 23.34
CA LEU A 344 -2.59 4.06 24.21
C LEU A 344 -3.77 4.93 23.84
N ASP A 345 -3.54 6.23 23.65
CA ASP A 345 -4.60 7.14 23.21
C ASP A 345 -5.23 6.67 21.90
N GLU A 346 -4.39 6.32 20.92
CA GLU A 346 -4.93 5.87 19.63
C GLU A 346 -5.83 4.65 19.84
N VAL A 347 -5.38 3.69 20.67
CA VAL A 347 -6.11 2.44 20.79
C VAL A 347 -7.43 2.65 21.52
N TYR A 348 -7.43 3.38 22.63
CA TYR A 348 -8.68 3.54 23.38
C TYR A 348 -9.68 4.38 22.61
N ARG A 349 -9.21 5.40 21.89
CA ARG A 349 -10.12 6.23 21.12
C ARG A 349 -10.73 5.44 19.97
N PHE A 350 -9.91 4.64 19.30
CA PHE A 350 -10.42 3.81 18.23
C PHE A 350 -11.40 2.78 18.76
N ARG A 351 -11.11 2.20 19.92
CA ARG A 351 -12.02 1.17 20.44
C ARG A 351 -13.42 1.72 20.69
N GLN A 352 -13.51 2.93 21.23
CA GLN A 352 -14.84 3.46 21.51
C GLN A 352 -15.54 3.84 20.21
N LEU A 353 -14.78 4.27 19.21
CA LEU A 353 -15.34 4.66 17.92
C LEU A 353 -16.02 3.48 17.24
N VAL A 354 -15.33 2.35 17.12
CA VAL A 354 -15.92 1.21 16.43
C VAL A 354 -17.01 0.53 17.23
N ARG A 355 -17.18 0.88 18.51
CA ARG A 355 -18.22 0.30 19.36
C ARG A 355 -19.45 1.18 19.48
N THR A 356 -19.54 2.29 18.74
CA THR A 356 -20.76 3.08 18.74
C THR A 356 -21.88 2.35 18.01
N GLN A 390 -31.82 15.33 -6.21
CA GLN A 390 -32.66 14.65 -5.24
C GLN A 390 -33.16 13.30 -5.78
N GLU A 391 -33.33 12.34 -4.88
CA GLU A 391 -33.76 11.00 -5.26
C GLU A 391 -35.25 11.00 -5.62
N TYR A 392 -35.64 9.96 -6.36
CA TYR A 392 -37.04 9.85 -6.76
C TYR A 392 -37.93 9.65 -5.55
N VAL A 393 -37.53 8.79 -4.62
CA VAL A 393 -38.39 8.50 -3.48
C VAL A 393 -38.56 9.74 -2.60
N GLY A 394 -37.50 10.53 -2.45
CA GLY A 394 -37.62 11.75 -1.67
C GLY A 394 -38.52 12.76 -2.35
N GLN A 395 -38.37 12.92 -3.66
CA GLN A 395 -39.26 13.82 -4.38
C GLN A 395 -40.71 13.39 -4.25
N MET A 396 -40.98 12.08 -4.37
CA MET A 396 -42.36 11.62 -4.26
C MET A 396 -42.87 11.71 -2.82
N ASN A 397 -42.00 11.43 -1.84
CA ASN A 397 -42.40 11.59 -0.45
C ASN A 397 -42.77 13.04 -0.15
N ASP A 398 -42.03 13.98 -0.71
CA ASP A 398 -42.36 15.39 -0.53
C ASP A 398 -43.68 15.73 -1.20
N LEU A 399 -43.85 15.31 -2.47
CA LEU A 399 -45.10 15.59 -3.17
C LEU A 399 -46.29 14.96 -2.46
N GLU A 400 -46.15 13.69 -2.04
CA GLU A 400 -47.23 13.03 -1.30
C GLU A 400 -47.64 13.82 -0.06
N ALA A 401 -46.67 14.30 0.71
CA ALA A 401 -47.00 15.06 1.91
C ALA A 401 -47.80 16.31 1.56
N GLU A 402 -47.44 16.97 0.46
CA GLU A 402 -48.18 18.15 0.04
C GLU A 402 -49.60 17.80 -0.39
N LEU A 403 -49.75 16.71 -1.15
CA LEU A 403 -51.06 16.37 -1.67
C LEU A 403 -52.01 15.94 -0.56
N ALA A 404 -51.48 15.44 0.55
CA ALA A 404 -52.34 15.07 1.66
C ALA A 404 -52.69 16.29 2.50
N GLY A 405 -51.71 17.17 2.73
CA GLY A 405 -51.94 18.36 3.52
C GLY A 405 -52.21 19.61 2.71
N GLY A 406 -53.13 19.49 1.75
CA GLY A 406 -53.50 20.63 0.92
C GLY A 406 -54.57 21.48 1.55
N LEU A 407 -55.73 21.58 0.91
CA LEU A 407 -56.90 22.08 1.61
C LEU A 407 -57.17 21.19 2.82
N ASP A 408 -57.94 21.73 3.77
CA ASP A 408 -58.27 20.99 5.01
C ASP A 408 -57.04 20.35 5.65
#